data_8RD1
#
_entry.id   8RD1
#
_cell.length_a   62.768
_cell.length_b   62.768
_cell.length_c   231.456
_cell.angle_alpha   90
_cell.angle_beta   90
_cell.angle_gamma   90
#
_symmetry.space_group_name_H-M   'P 43 21 2'
#
loop_
_entity.id
_entity.type
_entity.pdbx_description
1 polymer 'E3 ubiquitin-protein ligase HUWE1'
2 non-polymer 'CHLORIDE ION'
3 non-polymer '2-(2-hydroxy-2-oxoethyl)-1,3-bis(oxidanylidene)isoindole-5-carboxylic acid'
4 water water
#
_entity_poly.entity_id   1
_entity_poly.type   'polypeptide(L)'
_entity_poly.pdbx_seq_one_letter_code
;GQSNSNNWRWFDDRSGRWCSYSASNNSTIDSAWKSGETSVRFTAGRRRYTVQFTTMVQVNEETGNRRPVMLTLLRVPRLN
KNSKNSNGQEL
;
_entity_poly.pdbx_strand_id   A,B,C,D
#
loop_
_chem_comp.id
_chem_comp.type
_chem_comp.name
_chem_comp.formula
CL non-polymer 'CHLORIDE ION' 'Cl -1'
YP2 non-polymer '2-(2-hydroxy-2-oxoethyl)-1,3-bis(oxidanylidene)isoindole-5-carboxylic acid' 'C11 H7 N O6'
#
# COMPACT_ATOMS: atom_id res chain seq x y z
N ASN A 6 -5.23 6.97 15.52
CA ASN A 6 -4.04 6.23 15.15
C ASN A 6 -4.02 5.99 13.59
N ASN A 7 -4.27 4.79 13.03
CA ASN A 7 -4.16 4.59 11.58
C ASN A 7 -5.50 4.59 10.80
N TRP A 8 -6.68 4.38 11.44
CA TRP A 8 -7.96 4.45 10.73
C TRP A 8 -8.58 5.86 10.88
N ARG A 9 -9.31 6.30 9.84
CA ARG A 9 -9.95 7.61 9.87
C ARG A 9 -11.33 7.52 9.23
N TRP A 10 -12.25 8.38 9.66
CA TRP A 10 -13.61 8.47 9.11
C TRP A 10 -13.82 9.91 8.64
N PHE A 11 -14.58 10.08 7.54
CA PHE A 11 -14.76 11.41 6.98
C PHE A 11 -15.97 12.13 7.58
N ASP A 12 -15.73 13.36 8.05
CA ASP A 12 -16.75 14.23 8.63
C ASP A 12 -17.16 15.22 7.55
N ASP A 13 -18.31 15.01 6.91
CA ASP A 13 -18.72 15.91 5.85
C ASP A 13 -19.26 17.25 6.38
N ARG A 14 -19.50 17.39 7.70
CA ARG A 14 -19.92 18.68 8.29
C ARG A 14 -18.71 19.63 8.24
N SER A 15 -17.53 19.15 8.64
CA SER A 15 -16.30 19.95 8.60
C SER A 15 -15.50 19.80 7.29
N GLY A 16 -15.78 18.77 6.49
CA GLY A 16 -15.05 18.49 5.26
C GLY A 16 -13.66 17.93 5.50
N ARG A 17 -13.47 17.17 6.59
CA ARG A 17 -12.16 16.63 6.95
C ARG A 17 -12.21 15.19 7.43
N TRP A 18 -11.09 14.46 7.27
CA TRP A 18 -10.91 13.15 7.85
C TRP A 18 -10.65 13.34 9.35
N CYS A 19 -11.21 12.44 10.18
CA CYS A 19 -11.11 12.47 11.64
C CYS A 19 -10.61 11.16 12.19
N SER A 20 -9.93 11.22 13.33
CA SER A 20 -9.41 10.03 13.99
C SER A 20 -10.46 9.33 14.85
N TYR A 21 -10.29 8.03 15.03
CA TYR A 21 -11.10 7.27 15.95
C TYR A 21 -10.46 7.43 17.33
N SER A 22 -11.21 7.05 18.40
CA SER A 22 -10.61 6.98 19.73
C SER A 22 -9.58 5.84 19.70
N ALA A 23 -8.61 5.84 20.63
CA ALA A 23 -7.59 4.80 20.66
C ALA A 23 -8.19 3.40 20.74
N SER A 24 -9.24 3.22 21.55
CA SER A 24 -9.87 1.91 21.70
C SER A 24 -10.64 1.50 20.45
N ASN A 25 -11.35 2.43 19.78
CA ASN A 25 -12.08 2.08 18.55
C ASN A 25 -11.10 1.78 17.42
N ASN A 26 -9.99 2.54 17.35
CA ASN A 26 -8.96 2.28 16.34
C ASN A 26 -8.36 0.87 16.54
N SER A 27 -8.11 0.49 17.80
CA SER A 27 -7.59 -0.83 18.12
C SER A 27 -8.59 -1.93 17.76
N THR A 28 -9.89 -1.73 18.05
CA THR A 28 -10.92 -2.71 17.71
C THR A 28 -11.00 -2.88 16.19
N ILE A 29 -10.98 -1.77 15.44
CA ILE A 29 -11.06 -1.84 13.98
C ILE A 29 -9.82 -2.54 13.43
N ASP A 30 -8.64 -2.10 13.86
CA ASP A 30 -7.39 -2.67 13.34
C ASP A 30 -7.22 -4.16 13.67
N SER A 31 -7.70 -4.63 14.86
CA SER A 31 -7.63 -6.06 15.19
C SER A 31 -8.50 -6.88 14.25
N ALA A 32 -9.71 -6.40 13.94
CA ALA A 32 -10.59 -7.09 13.00
C ALA A 32 -10.00 -7.06 11.58
N TRP A 33 -9.39 -5.95 11.20
CA TRP A 33 -8.75 -5.82 9.89
C TRP A 33 -7.62 -6.88 9.74
N LYS A 34 -6.77 -6.99 10.75
CA LYS A 34 -5.64 -7.93 10.72
C LYS A 34 -6.08 -9.40 10.77
N SER A 35 -7.25 -9.69 11.39
CA SER A 35 -7.78 -11.05 11.50
C SER A 35 -8.53 -11.54 10.25
N GLY A 36 -8.62 -10.74 9.19
CA GLY A 36 -9.29 -11.17 7.98
C GLY A 36 -10.82 -11.04 7.99
N GLU A 37 -11.39 -10.38 9.01
CA GLU A 37 -12.85 -10.19 9.07
C GLU A 37 -13.29 -9.24 7.95
N THR A 38 -14.49 -9.39 7.41
CA THR A 38 -14.98 -8.49 6.37
C THR A 38 -15.68 -7.23 6.95
N SER A 39 -15.99 -7.23 8.26
CA SER A 39 -16.63 -6.12 8.95
C SER A 39 -16.31 -6.16 10.46
N VAL A 40 -16.58 -5.06 11.16
CA VAL A 40 -16.37 -4.96 12.59
C VAL A 40 -17.37 -4.00 13.20
N ARG A 41 -17.87 -4.34 14.39
CA ARG A 41 -18.77 -3.47 15.14
C ARG A 41 -18.05 -2.80 16.26
N PHE A 42 -18.47 -1.58 16.59
CA PHE A 42 -17.89 -0.84 17.70
C PHE A 42 -18.90 0.23 18.15
N THR A 43 -18.67 0.82 19.32
CA THR A 43 -19.55 1.85 19.88
C THR A 43 -18.75 3.11 20.17
N ALA A 44 -19.41 4.25 20.17
CA ALA A 44 -18.84 5.52 20.63
C ALA A 44 -19.95 6.17 21.43
N GLY A 45 -19.93 6.01 22.74
CA GLY A 45 -20.99 6.49 23.60
C GLY A 45 -22.27 5.72 23.34
N ARG A 46 -23.36 6.42 23.01
CA ARG A 46 -24.63 5.78 22.66
C ARG A 46 -24.70 5.40 21.17
N ARG A 47 -23.69 5.75 20.34
CA ARG A 47 -23.70 5.43 18.92
C ARG A 47 -23.16 4.00 18.65
N ARG A 48 -23.74 3.32 17.66
CA ARG A 48 -23.37 1.94 17.32
C ARG A 48 -23.03 1.95 15.85
N TYR A 49 -21.88 1.39 15.47
CA TYR A 49 -21.43 1.40 14.09
C TYR A 49 -20.91 0.07 13.65
N THR A 50 -20.95 -0.15 12.31
CA THR A 50 -20.28 -1.25 11.66
C THR A 50 -19.36 -0.66 10.58
N VAL A 51 -18.07 -1.04 10.58
CA VAL A 51 -17.14 -0.67 9.51
C VAL A 51 -17.14 -1.85 8.56
N GLN A 52 -17.52 -1.62 7.31
CA GLN A 52 -17.58 -2.61 6.25
C GLN A 52 -16.28 -2.51 5.46
N PHE A 53 -15.37 -3.46 5.65
CA PHE A 53 -14.08 -3.43 4.97
C PHE A 53 -14.16 -3.67 3.46
N THR A 54 -15.23 -4.33 2.98
CA THR A 54 -15.38 -4.59 1.55
C THR A 54 -15.76 -3.34 0.76
N THR A 55 -16.34 -2.34 1.43
CA THR A 55 -16.70 -1.07 0.80
C THR A 55 -15.97 0.13 1.42
N MET A 56 -15.20 -0.03 2.51
CA MET A 56 -14.51 1.05 3.21
C MET A 56 -15.50 2.14 3.62
N VAL A 57 -16.56 1.71 4.31
CA VAL A 57 -17.61 2.59 4.78
C VAL A 57 -18.00 2.19 6.21
N GLN A 58 -18.22 3.19 7.08
CA GLN A 58 -18.76 3.07 8.42
C GLN A 58 -20.26 3.34 8.30
N VAL A 59 -21.08 2.43 8.82
CA VAL A 59 -22.52 2.52 8.78
C VAL A 59 -23.04 2.68 10.21
N ASN A 60 -23.83 3.73 10.43
CA ASN A 60 -24.47 3.96 11.72
C ASN A 60 -25.61 2.92 11.76
N GLU A 61 -25.56 2.01 12.74
CA GLU A 61 -26.52 0.92 12.83
C GLU A 61 -27.96 1.39 13.06
N GLU A 62 -28.14 2.51 13.72
CA GLU A 62 -29.47 3.04 13.98
C GLU A 62 -30.06 3.77 12.78
N THR A 63 -29.30 4.69 12.18
CA THR A 63 -29.82 5.55 11.11
C THR A 63 -29.50 5.12 9.69
N GLY A 64 -28.51 4.27 9.53
CA GLY A 64 -28.03 3.88 8.22
C GLY A 64 -27.08 4.88 7.61
N ASN A 65 -26.73 5.99 8.30
CA ASN A 65 -25.82 6.98 7.74
C ASN A 65 -24.45 6.35 7.43
N ARG A 66 -23.94 6.63 6.21
CA ARG A 66 -22.70 6.07 5.69
C ARG A 66 -21.64 7.13 5.67
N ARG A 67 -20.52 6.88 6.35
CA ARG A 67 -19.38 7.77 6.38
C ARG A 67 -18.21 6.97 5.83
N PRO A 68 -17.48 7.48 4.83
CA PRO A 68 -16.35 6.70 4.31
C PRO A 68 -15.21 6.60 5.32
N VAL A 69 -14.43 5.53 5.22
CA VAL A 69 -13.28 5.34 6.09
C VAL A 69 -12.01 5.17 5.22
N MET A 70 -10.86 5.40 5.84
CA MET A 70 -9.59 5.17 5.20
C MET A 70 -8.58 4.60 6.19
N LEU A 71 -7.58 3.93 5.65
CA LEU A 71 -6.49 3.34 6.40
C LEU A 71 -5.25 4.11 5.96
N THR A 72 -4.52 4.71 6.90
CA THR A 72 -3.29 5.42 6.57
C THR A 72 -2.22 4.38 6.18
N LEU A 73 -1.37 4.72 5.24
CA LEU A 73 -0.34 3.81 4.76
C LEU A 73 1.02 4.41 4.96
N LEU A 74 1.95 3.58 5.43
CA LEU A 74 3.32 3.99 5.67
C LEU A 74 4.13 3.76 4.39
N ARG A 75 5.02 4.68 4.09
CA ARG A 75 5.86 4.60 2.89
C ARG A 75 6.76 3.35 2.95
N VAL A 76 6.97 2.71 1.79
CA VAL A 76 7.86 1.57 1.65
C VAL A 76 8.74 1.85 0.44
N PRO A 77 10.08 1.99 0.59
CA PRO A 77 10.87 1.97 1.83
C PRO A 77 10.59 3.18 2.73
N ARG A 78 11.04 3.13 3.98
CA ARG A 78 10.93 4.22 4.93
C ARG A 78 11.94 5.33 4.57
N LEU A 79 11.61 6.61 4.82
CA LEU A 79 12.58 7.69 4.57
C LEU A 79 13.52 7.82 5.76
N ASN A 80 14.75 8.31 5.53
CA ASN A 80 15.70 8.53 6.63
C ASN A 80 15.23 9.67 7.54
N ASN B 6 -9.95 3.66 -12.73
CA ASN B 6 -9.29 2.43 -12.33
C ASN B 6 -8.95 2.38 -10.80
N ASN B 7 -7.85 2.98 -10.32
CA ASN B 7 -7.44 2.80 -8.92
C ASN B 7 -7.85 3.92 -7.96
N TRP B 8 -8.15 5.14 -8.43
CA TRP B 8 -8.60 6.23 -7.54
C TRP B 8 -10.11 6.23 -7.45
N ARG B 9 -10.65 6.62 -6.29
CA ARG B 9 -12.09 6.71 -6.09
C ARG B 9 -12.42 7.95 -5.28
N TRP B 10 -13.62 8.50 -5.48
CA TRP B 10 -14.15 9.60 -4.70
C TRP B 10 -15.50 9.14 -4.10
N PHE B 11 -15.82 9.57 -2.88
CA PHE B 11 -17.06 9.12 -2.23
C PHE B 11 -18.23 10.03 -2.56
N ASP B 12 -19.33 9.45 -3.03
CA ASP B 12 -20.56 10.15 -3.36
C ASP B 12 -21.49 10.02 -2.17
N ASP B 13 -21.61 11.10 -1.38
CA ASP B 13 -22.46 11.16 -0.21
C ASP B 13 -23.96 10.99 -0.52
N ARG B 14 -24.38 11.33 -1.73
CA ARG B 14 -25.80 11.23 -2.09
C ARG B 14 -26.17 9.75 -2.21
N SER B 15 -25.40 9.01 -2.97
CA SER B 15 -25.65 7.58 -3.15
C SER B 15 -25.06 6.70 -2.03
N GLY B 16 -24.10 7.22 -1.27
CA GLY B 16 -23.44 6.48 -0.22
C GLY B 16 -22.46 5.45 -0.76
N ARG B 17 -21.82 5.71 -1.92
CA ARG B 17 -20.89 4.77 -2.53
C ARG B 17 -19.59 5.44 -3.00
N TRP B 18 -18.50 4.68 -3.02
CA TRP B 18 -17.25 5.08 -3.65
C TRP B 18 -17.46 4.98 -5.16
N CYS B 19 -16.95 5.98 -5.91
CA CYS B 19 -17.12 6.09 -7.35
C CYS B 19 -15.80 6.17 -8.06
N SER B 20 -15.72 5.58 -9.23
CA SER B 20 -14.52 5.63 -10.07
C SER B 20 -14.49 6.90 -10.90
N TYR B 21 -13.29 7.32 -11.25
CA TYR B 21 -13.08 8.43 -12.15
C TYR B 21 -13.08 7.87 -13.58
N SER B 22 -13.17 8.74 -14.57
CA SER B 22 -13.02 8.33 -15.97
C SER B 22 -11.56 7.86 -16.15
N ALA B 23 -11.28 7.06 -17.19
CA ALA B 23 -9.90 6.58 -17.43
C ALA B 23 -8.89 7.73 -17.53
N SER B 24 -9.27 8.80 -18.25
CA SER B 24 -8.41 9.98 -18.40
C SER B 24 -8.17 10.74 -17.08
N ASN B 25 -9.23 10.94 -16.28
CA ASN B 25 -9.05 11.66 -15.00
C ASN B 25 -8.28 10.80 -14.01
N ASN B 26 -8.52 9.48 -14.01
CA ASN B 26 -7.76 8.57 -13.16
C ASN B 26 -6.26 8.64 -13.52
N SER B 27 -5.95 8.65 -14.83
CA SER B 27 -4.57 8.77 -15.30
C SER B 27 -3.96 10.11 -14.88
N THR B 28 -4.68 11.23 -15.00
CA THR B 28 -4.18 12.53 -14.56
C THR B 28 -3.86 12.53 -13.06
N ILE B 29 -4.77 11.98 -12.25
CA ILE B 29 -4.56 11.95 -10.81
C ILE B 29 -3.39 11.03 -10.45
N ASP B 30 -3.38 9.82 -11.03
CA ASP B 30 -2.33 8.85 -10.72
C ASP B 30 -0.93 9.31 -11.19
N SER B 31 -0.83 10.05 -12.32
CA SER B 31 0.47 10.57 -12.76
C SER B 31 0.99 11.60 -11.77
N ALA B 32 0.11 12.49 -11.29
CA ALA B 32 0.51 13.50 -10.31
C ALA B 32 0.87 12.83 -8.98
N TRP B 33 0.12 11.79 -8.59
CA TRP B 33 0.42 11.05 -7.37
C TRP B 33 1.86 10.44 -7.45
N LYS B 34 2.16 9.74 -8.55
CA LYS B 34 3.46 9.09 -8.70
C LYS B 34 4.62 10.11 -8.82
N SER B 35 4.34 11.35 -9.30
CA SER B 35 5.38 12.38 -9.44
C SER B 35 5.68 13.16 -8.14
N GLY B 36 5.01 12.84 -7.04
CA GLY B 36 5.26 13.50 -5.77
C GLY B 36 4.56 14.82 -5.55
N GLU B 37 3.67 15.24 -6.47
CA GLU B 37 2.94 16.51 -6.32
C GLU B 37 2.02 16.45 -5.09
N THR B 38 1.78 17.59 -4.42
CA THR B 38 0.90 17.64 -3.27
C THR B 38 -0.59 17.79 -3.65
N SER B 39 -0.89 18.18 -4.90
CA SER B 39 -2.26 18.35 -5.41
C SER B 39 -2.26 18.24 -6.94
N VAL B 40 -3.44 18.05 -7.54
CA VAL B 40 -3.59 17.93 -8.98
C VAL B 40 -4.96 18.48 -9.38
N ARG B 41 -4.99 19.19 -10.52
CA ARG B 41 -6.21 19.71 -11.09
C ARG B 41 -6.68 18.80 -12.19
N PHE B 42 -7.98 18.67 -12.35
CA PHE B 42 -8.56 17.93 -13.46
C PHE B 42 -9.93 18.51 -13.78
N THR B 43 -10.47 18.16 -14.96
CA THR B 43 -11.77 18.61 -15.38
C THR B 43 -12.62 17.45 -15.85
N ALA B 44 -13.94 17.57 -15.66
CA ALA B 44 -14.94 16.67 -16.22
C ALA B 44 -15.74 17.62 -17.13
N GLY B 45 -15.38 17.67 -18.41
CA GLY B 45 -15.91 18.67 -19.32
C GLY B 45 -15.30 20.01 -18.91
N ARG B 46 -16.12 21.01 -18.65
CA ARG B 46 -15.63 22.30 -18.13
C ARG B 46 -15.59 22.34 -16.59
N ARG B 47 -16.15 21.31 -15.88
CA ARG B 47 -16.22 21.33 -14.41
CA ARG B 47 -16.26 21.30 -14.42
C ARG B 47 -14.87 21.09 -13.82
N ARG B 48 -14.38 22.03 -12.99
CA ARG B 48 -13.05 21.97 -12.43
C ARG B 48 -12.99 21.40 -11.02
N TYR B 49 -11.95 20.61 -10.77
CA TYR B 49 -11.70 19.97 -9.47
C TYR B 49 -10.22 20.01 -9.14
N THR B 50 -9.90 19.95 -7.84
CA THR B 50 -8.55 19.75 -7.36
C THR B 50 -8.57 18.59 -6.36
N VAL B 51 -7.66 17.62 -6.51
CA VAL B 51 -7.46 16.55 -5.54
C VAL B 51 -6.28 16.99 -4.69
N GLN B 52 -6.51 17.14 -3.39
CA GLN B 52 -5.52 17.55 -2.41
C GLN B 52 -4.99 16.28 -1.77
N PHE B 53 -3.77 15.86 -2.15
CA PHE B 53 -3.19 14.63 -1.62
C PHE B 53 -2.77 14.69 -0.15
N THR B 54 -2.58 15.89 0.41
CA THR B 54 -2.20 16.01 1.82
C THR B 54 -3.38 15.76 2.75
N THR B 55 -4.62 15.99 2.28
CA THR B 55 -5.83 15.76 3.05
C THR B 55 -6.69 14.62 2.47
N MET B 56 -6.36 14.09 1.28
CA MET B 56 -7.11 13.04 0.59
C MET B 56 -8.55 13.47 0.42
N VAL B 57 -8.72 14.66 -0.18
CA VAL B 57 -10.00 15.28 -0.47
C VAL B 57 -9.99 15.86 -1.89
N GLN B 58 -11.11 15.73 -2.60
CA GLN B 58 -11.38 16.34 -3.88
C GLN B 58 -12.24 17.59 -3.57
N VAL B 59 -11.82 18.74 -4.08
CA VAL B 59 -12.55 19.98 -3.95
C VAL B 59 -13.17 20.29 -5.31
N ASN B 60 -14.50 20.43 -5.32
CA ASN B 60 -15.24 20.83 -6.48
C ASN B 60 -15.01 22.35 -6.55
N GLU B 61 -14.35 22.83 -7.60
CA GLU B 61 -13.98 24.24 -7.67
C GLU B 61 -15.10 25.14 -8.18
N GLU B 62 -16.31 24.62 -8.35
CA GLU B 62 -17.49 25.39 -8.71
C GLU B 62 -18.47 25.49 -7.54
N THR B 63 -18.59 24.43 -6.73
CA THR B 63 -19.49 24.44 -5.56
C THR B 63 -18.77 24.59 -4.23
N GLY B 64 -17.48 24.26 -4.19
CA GLY B 64 -16.66 24.21 -3.00
C GLY B 64 -16.84 22.95 -2.19
N ASN B 65 -17.69 22.01 -2.66
CA ASN B 65 -17.92 20.80 -1.91
C ASN B 65 -16.66 19.93 -1.88
N ARG B 66 -16.37 19.40 -0.68
CA ARG B 66 -15.22 18.55 -0.43
C ARG B 66 -15.69 17.08 -0.29
N ARG B 67 -15.21 16.20 -1.19
CA ARG B 67 -15.52 14.79 -1.14
C ARG B 67 -14.23 14.03 -0.86
N PRO B 68 -14.24 13.04 0.03
CA PRO B 68 -13.01 12.30 0.27
C PRO B 68 -12.62 11.42 -0.91
N VAL B 69 -11.33 11.15 -1.03
CA VAL B 69 -10.81 10.29 -2.06
C VAL B 69 -10.04 9.15 -1.42
N MET B 70 -9.90 8.06 -2.16
CA MET B 70 -9.10 6.94 -1.74
C MET B 70 -8.31 6.37 -2.94
N LEU B 71 -7.21 5.68 -2.60
CA LEU B 71 -6.39 4.98 -3.56
C LEU B 71 -6.55 3.49 -3.26
N THR B 72 -7.02 2.70 -4.22
CA THR B 72 -7.14 1.24 -4.08
C THR B 72 -5.73 0.65 -3.94
N LEU B 73 -5.56 -0.34 -3.07
CA LEU B 73 -4.28 -1.00 -2.86
C LEU B 73 -4.48 -2.47 -3.16
N LEU B 74 -3.69 -3.01 -4.10
CA LEU B 74 -3.80 -4.41 -4.49
C LEU B 74 -2.91 -5.26 -3.60
N ARG B 75 -3.33 -6.49 -3.36
CA ARG B 75 -2.64 -7.44 -2.48
C ARG B 75 -1.23 -7.70 -2.97
N VAL B 76 -0.29 -7.82 -2.04
CA VAL B 76 1.10 -8.15 -2.32
C VAL B 76 1.49 -9.30 -1.39
N PRO B 77 1.88 -10.50 -1.91
CA PRO B 77 1.92 -10.92 -3.32
C PRO B 77 0.50 -11.08 -3.88
N ARG B 78 0.40 -11.22 -5.21
CA ARG B 78 -0.87 -11.49 -5.86
C ARG B 78 -1.29 -12.94 -5.58
N LEU B 79 -2.61 -13.22 -5.50
CA LEU B 79 -3.08 -14.60 -5.34
C LEU B 79 -3.04 -15.32 -6.69
N ASN B 80 -2.86 -16.65 -6.67
CA ASN B 80 -2.86 -17.46 -7.90
C ASN B 80 -4.27 -17.49 -8.49
N ASN C 6 9.11 5.31 -11.70
CA ASN C 6 9.90 4.11 -11.51
C ASN C 6 9.67 3.53 -10.11
N ASN C 7 8.49 2.89 -9.94
CA ASN C 7 8.04 2.32 -8.67
C ASN C 7 8.44 0.84 -8.42
N TRP C 8 8.76 0.05 -9.47
CA TRP C 8 9.19 -1.35 -9.26
C TRP C 8 10.70 -1.40 -9.07
N ARG C 9 11.20 -2.37 -8.29
CA ARG C 9 12.63 -2.54 -8.10
C ARG C 9 12.97 -4.04 -8.06
N TRP C 10 14.20 -4.38 -8.45
CA TRP C 10 14.71 -5.74 -8.38
C TRP C 10 16.00 -5.71 -7.55
N PHE C 11 16.23 -6.75 -6.73
CA PHE C 11 17.42 -6.77 -5.88
C PHE C 11 18.61 -7.39 -6.56
N ASP C 12 19.77 -6.72 -6.49
CA ASP C 12 21.01 -7.22 -7.04
C ASP C 12 21.85 -7.76 -5.87
N ASP C 13 21.92 -9.10 -5.72
CA ASP C 13 22.67 -9.69 -4.62
C ASP C 13 24.19 -9.52 -4.74
N ARG C 14 24.71 -9.16 -5.93
CA ARG C 14 26.15 -8.95 -6.10
C ARG C 14 26.53 -7.63 -5.44
N SER C 15 25.78 -6.55 -5.71
CA SER C 15 26.01 -5.24 -5.11
C SER C 15 25.31 -5.05 -3.74
N GLY C 16 24.33 -5.89 -3.42
CA GLY C 16 23.56 -5.78 -2.19
C GLY C 16 22.62 -4.58 -2.19
N ARG C 17 22.08 -4.19 -3.35
CA ARG C 17 21.17 -3.04 -3.44
C ARG C 17 19.95 -3.31 -4.31
N TRP C 18 18.84 -2.61 -4.03
CA TRP C 18 17.64 -2.59 -4.86
C TRP C 18 17.97 -1.69 -6.05
N CYS C 19 17.56 -2.11 -7.25
CA CYS C 19 17.83 -1.43 -8.52
C CYS C 19 16.52 -1.10 -9.24
N SER C 20 16.55 -0.05 -10.05
CA SER C 20 15.41 0.38 -10.82
C SER C 20 15.37 -0.31 -12.19
N TYR C 21 14.18 -0.38 -12.76
CA TYR C 21 13.95 -0.86 -14.12
C TYR C 21 14.08 0.34 -15.04
N SER C 22 14.21 0.10 -16.36
CA SER C 22 14.14 1.18 -17.33
C SER C 22 12.69 1.72 -17.31
N ALA C 23 12.47 2.96 -17.75
CA ALA C 23 11.13 3.55 -17.76
C ALA C 23 10.11 2.69 -18.51
N SER C 24 10.49 2.15 -19.68
CA SER C 24 9.59 1.31 -20.45
C SER C 24 9.31 -0.04 -19.80
N ASN C 25 10.33 -0.67 -19.18
CA ASN C 25 10.11 -1.96 -18.50
C ASN C 25 9.27 -1.75 -17.24
N ASN C 26 9.50 -0.64 -16.51
CA ASN C 26 8.68 -0.31 -15.36
C ASN C 26 7.22 -0.12 -15.77
N SER C 27 6.98 0.56 -16.90
CA SER C 27 5.64 0.76 -17.41
C SER C 27 4.99 -0.57 -17.83
N THR C 28 5.74 -1.47 -18.50
CA THR C 28 5.20 -2.78 -18.87
C THR C 28 4.79 -3.56 -17.61
N ILE C 29 5.65 -3.55 -16.59
CA ILE C 29 5.39 -4.28 -15.35
C ILE C 29 4.18 -3.68 -14.63
N ASP C 30 4.18 -2.36 -14.46
CA ASP C 30 3.09 -1.69 -13.76
C ASP C 30 1.73 -1.80 -14.48
N SER C 31 1.70 -1.80 -15.83
CA SER C 31 0.44 -1.99 -16.56
C SER C 31 -0.11 -3.38 -16.32
N ALA C 32 0.76 -4.43 -16.34
CA ALA C 32 0.32 -5.78 -16.07
C ALA C 32 -0.14 -5.92 -14.62
N TRP C 33 0.56 -5.26 -13.68
CA TRP C 33 0.18 -5.27 -12.27
C TRP C 33 -1.25 -4.70 -12.10
N LYS C 34 -1.51 -3.55 -12.70
CA LYS C 34 -2.82 -2.89 -12.59
C LYS C 34 -3.95 -3.65 -13.31
N SER C 35 -3.62 -4.44 -14.34
CA SER C 35 -4.62 -5.23 -15.08
C SER C 35 -5.00 -6.56 -14.42
N GLY C 36 -4.40 -6.91 -13.29
CA GLY C 36 -4.72 -8.15 -12.61
C GLY C 36 -4.02 -9.39 -13.15
N GLU C 37 -3.03 -9.23 -14.04
CA GLU C 37 -2.29 -10.39 -14.57
C GLU C 37 -1.45 -11.02 -13.44
N THR C 38 -1.22 -12.34 -13.47
CA THR C 38 -0.41 -13.00 -12.46
C THR C 38 1.11 -12.92 -12.74
N SER C 39 1.50 -12.60 -13.99
CA SER C 39 2.89 -12.48 -14.39
C SER C 39 3.02 -11.56 -15.63
N VAL C 40 4.23 -11.10 -15.91
CA VAL C 40 4.49 -10.25 -17.07
C VAL C 40 5.89 -10.50 -17.56
N ARG C 41 6.07 -10.49 -18.88
CA ARG C 41 7.39 -10.62 -19.48
C ARG C 41 7.87 -9.32 -20.00
N PHE C 42 9.17 -9.11 -19.94
CA PHE C 42 9.79 -7.93 -20.53
C PHE C 42 11.20 -8.30 -21.01
N THR C 43 11.78 -7.45 -21.85
CA THR C 43 13.12 -7.65 -22.38
C THR C 43 14.02 -6.50 -21.95
N ALA C 44 15.24 -6.83 -21.59
CA ALA C 44 16.25 -5.82 -21.23
C ALA C 44 17.59 -6.39 -21.59
N GLY C 45 18.40 -5.62 -22.31
CA GLY C 45 19.78 -6.01 -22.63
C GLY C 45 20.01 -7.45 -23.06
N ARG C 46 19.29 -7.87 -24.11
CA ARG C 46 19.38 -9.20 -24.75
C ARG C 46 18.95 -10.37 -23.84
N ARG C 47 18.10 -10.09 -22.85
CA ARG C 47 17.55 -11.14 -22.00
C ARG C 47 16.08 -10.90 -21.82
N ARG C 48 15.32 -11.99 -21.74
CA ARG C 48 13.91 -11.98 -21.49
C ARG C 48 13.73 -12.40 -20.04
N TYR C 49 12.83 -11.72 -19.34
CA TYR C 49 12.53 -11.97 -17.94
C TYR C 49 11.05 -12.10 -17.75
N THR C 50 10.64 -12.83 -16.70
CA THR C 50 9.25 -12.88 -16.26
C THR C 50 9.20 -12.43 -14.82
N VAL C 51 8.36 -11.44 -14.51
CA VAL C 51 8.08 -11.04 -13.13
C VAL C 51 6.86 -11.83 -12.72
N GLN C 52 7.01 -12.69 -11.72
CA GLN C 52 5.96 -13.52 -11.20
C GLN C 52 5.36 -12.76 -10.01
N PHE C 53 4.18 -12.16 -10.22
CA PHE C 53 3.53 -11.39 -9.16
C PHE C 53 3.03 -12.22 -7.98
N THR C 54 2.79 -13.53 -8.18
CA THR C 54 2.32 -14.40 -7.10
C THR C 54 3.43 -14.72 -6.09
N THR C 55 4.70 -14.56 -6.48
CA THR C 55 5.84 -14.83 -5.61
C THR C 55 6.73 -13.58 -5.41
N MET C 56 6.51 -12.49 -6.17
CA MET C 56 7.35 -11.30 -6.17
C MET C 56 8.82 -11.68 -6.46
N VAL C 57 9.00 -12.41 -7.56
CA VAL C 57 10.31 -12.87 -8.01
C VAL C 57 10.37 -12.69 -9.55
N GLN C 58 11.52 -12.23 -10.02
CA GLN C 58 11.84 -12.06 -11.43
C GLN C 58 12.71 -13.24 -11.83
N VAL C 59 12.34 -13.91 -12.92
CA VAL C 59 13.09 -15.04 -13.45
C VAL C 59 13.74 -14.66 -14.78
N ASN C 60 15.05 -14.82 -14.86
CA ASN C 60 15.81 -14.58 -16.08
C ASN C 60 15.55 -15.83 -16.91
N GLU C 61 14.87 -15.70 -18.06
CA GLU C 61 14.48 -16.86 -18.85
C GLU C 61 15.65 -17.47 -19.65
N GLU C 62 16.76 -16.78 -19.76
CA GLU C 62 17.94 -17.34 -20.44
C GLU C 62 18.74 -18.23 -19.51
N THR C 63 18.97 -17.77 -18.27
CA THR C 63 19.80 -18.50 -17.30
C THR C 63 19.01 -19.25 -16.22
N GLY C 64 17.79 -18.83 -15.95
CA GLY C 64 16.96 -19.35 -14.86
C GLY C 64 17.17 -18.60 -13.55
N ASN C 65 18.12 -17.63 -13.50
CA ASN C 65 18.41 -16.93 -12.26
C ASN C 65 17.18 -16.16 -11.72
N ARG C 66 16.93 -16.30 -10.42
CA ARG C 66 15.79 -15.68 -9.74
C ARG C 66 16.27 -14.52 -8.89
N ARG C 67 15.64 -13.35 -9.06
CA ARG C 67 15.96 -12.18 -8.26
C ARG C 67 14.65 -11.67 -7.64
N PRO C 68 14.64 -11.27 -6.36
CA PRO C 68 13.38 -10.76 -5.78
C PRO C 68 13.03 -9.38 -6.31
N VAL C 69 11.74 -9.05 -6.29
CA VAL C 69 11.26 -7.76 -6.72
C VAL C 69 10.43 -7.12 -5.59
N MET C 70 10.27 -5.81 -5.67
CA MET C 70 9.42 -5.08 -4.77
C MET C 70 8.70 -3.94 -5.48
N LEU C 71 7.58 -3.54 -4.92
CA LEU C 71 6.78 -2.42 -5.40
C LEU C 71 6.89 -1.35 -4.32
N THR C 72 7.37 -0.16 -4.67
CA THR C 72 7.51 0.92 -3.70
C THR C 72 6.10 1.46 -3.42
N LEU C 73 5.87 1.90 -2.21
CA LEU C 73 4.55 2.42 -1.82
C LEU C 73 4.73 3.81 -1.26
N LEU C 74 3.94 4.76 -1.75
CA LEU C 74 3.99 6.13 -1.28
C LEU C 74 3.02 6.33 -0.12
N ARG C 75 3.40 7.19 0.81
CA ARG C 75 2.66 7.46 2.04
C ARG C 75 1.26 7.98 1.71
N VAL C 76 0.26 7.54 2.47
CA VAL C 76 -1.11 8.01 2.36
C VAL C 76 -1.57 8.41 3.78
N PRO C 77 -1.99 9.68 4.02
CA PRO C 77 -1.94 10.85 3.12
C PRO C 77 -0.50 11.30 2.80
N ARG C 78 -0.36 12.17 1.81
CA ARG C 78 0.93 12.75 1.44
C ARG C 78 1.31 13.82 2.49
N LEU C 79 2.61 14.00 2.79
CA LEU C 79 3.04 15.06 3.70
C LEU C 79 3.08 16.40 2.95
N ASN C 80 2.92 17.51 3.67
CA ASN C 80 3.02 18.85 3.09
C ASN C 80 4.48 19.15 2.71
N ASN D 6 2.46 -13.65 9.98
CA ASN D 6 3.60 -13.82 9.09
C ASN D 6 3.53 -12.84 7.91
N ASN D 7 3.74 -11.53 8.18
CA ASN D 7 3.70 -10.53 7.12
C ASN D 7 5.10 -10.11 6.60
N TRP D 8 6.21 -10.28 7.35
CA TRP D 8 7.55 -9.93 6.84
C TRP D 8 8.23 -11.16 6.26
N ARG D 9 9.00 -10.96 5.19
CA ARG D 9 9.73 -12.06 4.56
C ARG D 9 11.13 -11.59 4.18
N TRP D 10 12.06 -12.54 4.08
CA TRP D 10 13.43 -12.29 3.64
C TRP D 10 13.73 -13.23 2.49
N PHE D 11 14.48 -12.77 1.49
CA PHE D 11 14.77 -13.63 0.33
C PHE D 11 16.01 -14.46 0.55
N ASP D 12 15.91 -15.76 0.28
CA ASP D 12 17.03 -16.68 0.42
C ASP D 12 17.53 -16.99 -0.99
N ASP D 13 18.64 -16.38 -1.42
CA ASP D 13 19.16 -16.62 -2.76
C ASP D 13 19.76 -18.04 -2.94
N ARG D 14 19.99 -18.79 -1.85
CA ARG D 14 20.48 -20.17 -1.95
C ARG D 14 19.33 -21.08 -2.40
N SER D 15 18.11 -20.86 -1.91
CA SER D 15 16.95 -21.63 -2.30
C SER D 15 16.10 -20.94 -3.40
N GLY D 16 16.34 -19.66 -3.67
CA GLY D 16 15.58 -18.89 -4.64
C GLY D 16 14.15 -18.58 -4.23
N ARG D 17 13.88 -18.48 -2.93
CA ARG D 17 12.53 -18.27 -2.44
C ARG D 17 12.48 -17.23 -1.33
N TRP D 18 11.31 -16.58 -1.18
CA TRP D 18 11.05 -15.70 -0.05
C TRP D 18 10.76 -16.65 1.13
N CYS D 19 11.27 -16.29 2.32
CA CYS D 19 11.15 -17.07 3.54
C CYS D 19 10.49 -16.28 4.65
N SER D 20 9.70 -16.97 5.45
CA SER D 20 9.03 -16.34 6.59
C SER D 20 9.98 -16.23 7.78
N TYR D 21 9.77 -15.21 8.58
CA TYR D 21 10.47 -15.09 9.85
C TYR D 21 9.71 -15.98 10.83
N SER D 22 10.33 -16.31 11.97
CA SER D 22 9.64 -17.01 13.05
C SER D 22 8.54 -16.06 13.58
N ALA D 23 7.51 -16.58 14.26
CA ALA D 23 6.43 -15.74 14.78
C ALA D 23 6.95 -14.60 15.66
N SER D 24 7.91 -14.90 16.55
CA SER D 24 8.46 -13.88 17.44
C SER D 24 9.28 -12.83 16.68
N ASN D 25 10.11 -13.24 15.69
CA ASN D 25 10.90 -12.24 14.92
C ASN D 25 9.99 -11.40 14.04
N ASN D 26 8.94 -12.00 13.47
CA ASN D 26 7.97 -11.25 12.68
C ASN D 26 7.29 -10.18 13.54
N SER D 27 6.93 -10.56 14.78
CA SER D 27 6.32 -9.62 15.71
C SER D 27 7.30 -8.50 16.09
N THR D 28 8.57 -8.84 16.37
CA THR D 28 9.59 -7.82 16.71
C THR D 28 9.75 -6.82 15.56
N ILE D 29 9.86 -7.33 14.33
CA ILE D 29 10.06 -6.47 13.17
C ILE D 29 8.83 -5.61 12.92
N ASP D 30 7.63 -6.21 12.99
CA ASP D 30 6.41 -5.47 12.72
C ASP D 30 6.11 -4.38 13.77
N SER D 31 6.41 -4.63 15.04
N SER D 31 6.42 -4.64 15.05
CA SER D 31 6.22 -3.63 16.09
CA SER D 31 6.23 -3.64 16.09
C SER D 31 7.13 -2.41 15.84
C SER D 31 7.13 -2.42 15.83
N ALA D 32 8.39 -2.64 15.43
CA ALA D 32 9.30 -1.54 15.13
C ALA D 32 8.84 -0.80 13.87
N TRP D 33 8.36 -1.54 12.86
CA TRP D 33 7.83 -0.93 11.64
C TRP D 33 6.65 0.03 11.99
N LYS D 34 5.70 -0.43 12.78
CA LYS D 34 4.54 0.37 13.14
C LYS D 34 4.88 1.58 14.02
N SER D 35 5.98 1.51 14.81
CA SER D 35 6.41 2.62 15.65
C SER D 35 7.21 3.72 14.92
N GLY D 36 7.44 3.57 13.62
CA GLY D 36 8.19 4.57 12.85
C GLY D 36 9.70 4.49 12.98
N GLU D 37 10.25 3.41 13.56
CA GLU D 37 11.71 3.28 13.72
C GLU D 37 12.33 3.07 12.33
N THR D 38 13.57 3.55 12.10
CA THR D 38 14.22 3.35 10.81
C THR D 38 14.90 1.97 10.66
N SER D 39 15.06 1.22 11.77
CA SER D 39 15.70 -0.09 11.78
C SER D 39 15.25 -0.90 13.02
N VAL D 40 15.52 -2.20 13.02
CA VAL D 40 15.19 -3.09 14.13
C VAL D 40 16.22 -4.23 14.20
N ARG D 41 16.52 -4.64 15.43
CA ARG D 41 17.45 -5.72 15.70
C ARG D 41 16.68 -6.96 16.02
N PHE D 42 17.23 -8.10 15.64
CA PHE D 42 16.68 -9.38 16.05
C PHE D 42 17.79 -10.46 15.98
N THR D 43 17.52 -11.63 16.53
CA THR D 43 18.43 -12.76 16.46
C THR D 43 17.68 -13.99 15.94
N ALA D 44 18.39 -14.84 15.20
CA ALA D 44 17.88 -16.13 14.71
C ALA D 44 19.07 -17.07 14.61
N GLY D 45 18.91 -18.28 15.13
CA GLY D 45 19.97 -19.29 15.11
C GLY D 45 21.27 -18.82 15.72
N ARG D 46 21.19 -18.07 16.86
CA ARG D 46 22.32 -17.48 17.59
C ARG D 46 23.14 -16.44 16.77
N ARG D 47 22.54 -15.89 15.69
CA ARG D 47 23.16 -14.87 14.85
C ARG D 47 22.36 -13.59 14.97
N ARG D 48 23.04 -12.45 14.93
CA ARG D 48 22.45 -11.13 15.07
C ARG D 48 22.25 -10.49 13.69
N TYR D 49 21.08 -9.88 13.50
CA TYR D 49 20.71 -9.18 12.27
C TYR D 49 20.10 -7.84 12.59
N THR D 50 20.19 -6.91 11.63
CA THR D 50 19.48 -5.65 11.67
C THR D 50 18.66 -5.55 10.37
N VAL D 51 17.37 -5.19 10.46
CA VAL D 51 16.54 -4.92 9.30
C VAL D 51 16.56 -3.41 9.18
N GLN D 52 17.04 -2.92 8.04
CA GLN D 52 17.13 -1.52 7.70
C GLN D 52 15.90 -1.19 6.86
N PHE D 53 14.93 -0.49 7.46
CA PHE D 53 13.70 -0.15 6.78
C PHE D 53 13.87 0.90 5.67
N THR D 54 14.95 1.72 5.72
CA THR D 54 15.16 2.72 4.68
C THR D 54 15.67 2.14 3.36
N THR D 55 16.21 0.93 3.39
CA THR D 55 16.68 0.21 2.20
C THR D 55 15.97 -1.13 2.00
N MET D 56 15.10 -1.56 2.95
CA MET D 56 14.40 -2.85 2.91
C MET D 56 15.38 -4.00 2.72
N VAL D 57 16.41 -4.03 3.58
CA VAL D 57 17.40 -5.07 3.61
C VAL D 57 17.67 -5.51 5.06
N GLN D 58 17.96 -6.80 5.21
CA GLN D 58 18.40 -7.44 6.44
C GLN D 58 19.92 -7.57 6.32
N VAL D 59 20.64 -7.12 7.33
CA VAL D 59 22.09 -7.17 7.39
C VAL D 59 22.53 -8.16 8.46
N ASN D 60 23.34 -9.14 8.07
CA ASN D 60 23.93 -10.10 9.00
C ASN D 60 25.06 -9.32 9.69
N GLU D 61 24.98 -9.15 11.01
CA GLU D 61 25.95 -8.31 11.72
C GLU D 61 27.35 -8.94 11.80
N GLU D 62 27.48 -10.26 11.66
CA GLU D 62 28.80 -10.93 11.70
C GLU D 62 29.52 -10.85 10.34
N THR D 63 28.80 -11.13 9.23
CA THR D 63 29.42 -11.18 7.90
C THR D 63 29.21 -9.93 7.05
N GLY D 64 28.22 -9.11 7.40
CA GLY D 64 27.84 -7.95 6.62
C GLY D 64 26.93 -8.31 5.44
N ASN D 65 26.57 -9.61 5.26
CA ASN D 65 25.76 -10.02 4.12
C ASN D 65 24.36 -9.38 4.17
N ARG D 66 23.92 -8.86 3.03
CA ARG D 66 22.64 -8.16 2.88
C ARG D 66 21.68 -9.02 2.10
N ARG D 67 20.48 -9.29 2.68
CA ARG D 67 19.42 -10.05 2.04
C ARG D 67 18.20 -9.12 1.99
N PRO D 68 17.44 -9.10 0.88
CA PRO D 68 16.30 -8.19 0.82
C PRO D 68 15.14 -8.69 1.67
N VAL D 69 14.30 -7.76 2.09
CA VAL D 69 13.11 -8.06 2.86
C VAL D 69 11.91 -7.44 2.17
N MET D 70 10.72 -7.99 2.47
CA MET D 70 9.46 -7.46 1.99
C MET D 70 8.38 -7.55 3.06
N LEU D 71 7.38 -6.69 2.93
CA LEU D 71 6.22 -6.62 3.79
C LEU D 71 5.03 -7.01 2.92
N THR D 72 4.25 -8.02 3.33
CA THR D 72 3.06 -8.42 2.58
C THR D 72 1.98 -7.33 2.84
N LEU D 73 1.11 -7.10 1.85
CA LEU D 73 0.10 -6.07 1.96
C LEU D 73 -1.26 -6.65 1.74
N LEU D 74 -2.22 -6.21 2.56
CA LEU D 74 -3.61 -6.62 2.45
C LEU D 74 -4.34 -5.68 1.48
N ARG D 75 -5.22 -6.25 0.66
CA ARG D 75 -5.96 -5.48 -0.33
C ARG D 75 -6.87 -4.47 0.35
N VAL D 76 -6.98 -3.25 -0.23
CA VAL D 76 -7.88 -2.21 0.24
C VAL D 76 -8.69 -1.72 -0.98
N PRO D 77 -10.04 -1.86 -1.01
CA PRO D 77 -10.91 -2.53 -0.03
C PRO D 77 -10.69 -4.05 0.03
N ARG D 78 -11.20 -4.70 1.08
CA ARG D 78 -11.15 -6.15 1.22
C ARG D 78 -12.13 -6.79 0.23
N LEU D 79 -11.81 -7.98 -0.32
CA LEU D 79 -12.76 -8.67 -1.22
C LEU D 79 -13.78 -9.42 -0.36
N ASN D 80 -15.01 -9.60 -0.88
CA ASN D 80 -16.01 -10.36 -0.13
C ASN D 80 -15.74 -11.85 -0.28
CL CL E . -23.11 8.60 11.72
CL CL F . -28.12 9.95 22.30
C4 YP2 G . -16.36 9.36 16.85
C5 YP2 G . -18.66 9.33 14.02
C6 YP2 G . -17.09 7.45 14.95
C13 YP2 G . -14.86 7.71 18.03
C1 YP2 G . -17.34 9.64 15.91
C11 YP2 G . -16.20 7.12 15.96
C12 YP2 G . -19.72 11.62 13.84
C14 YP2 G . -20.84 12.21 14.71
C2 YP2 G . -17.69 8.72 14.95
C3 YP2 G . -18.13 10.87 15.66
C9 YP2 G . -15.83 8.07 16.92
N7 YP2 G . -18.90 10.61 14.52
O10 YP2 G . -19.13 8.90 13.00
O15 YP2 G . -14.16 6.70 17.90
O16 YP2 G . -14.82 8.48 19.05
O17 YP2 G . -21.19 13.38 14.40
O18 YP2 G . -21.36 11.52 15.62
O8 YP2 G . -18.10 11.94 16.24
H19 YP2 G . -16.03 10.14 17.53
H20 YP2 G . -17.32 6.74 14.17
H21 YP2 G . -15.80 6.13 16.00
H23 YP2 G . -19.07 12.43 13.52
H22 YP2 G . -20.17 11.18 12.94
CL CL H . -19.22 11.83 3.05
CL CL I . -20.89 19.34 -5.57
CL CL J . 19.35 -12.32 -13.65
C4 YP2 K . 17.95 -4.80 -16.34
C5 YP2 K . 18.16 -7.69 -14.12
C6 YP2 K . 16.11 -6.20 -14.77
C13 YP2 K . 16.19 -3.11 -17.02
C1 YP2 K . 18.34 -5.93 -15.62
C11 YP2 K . 15.70 -5.12 -15.55
C12 YP2 K . 20.57 -8.43 -14.01
C14 YP2 K . 21.08 -9.53 -14.96
C2 YP2 K . 17.44 -6.61 -14.83
C3 YP2 K . 19.66 -6.58 -15.48
C9 YP2 K . 16.62 -4.37 -16.28
N7 YP2 K . 19.48 -7.62 -14.56
O10 YP2 K . 17.76 -8.46 -13.28
O15 YP2 K . 14.99 -2.77 -16.97
O16 YP2 K . 17.07 -2.47 -17.66
O17 YP2 K . 20.45 -9.80 -16.01
O18 YP2 K . 22.11 -10.13 -14.59
O8 YP2 K . 20.73 -6.29 -15.98
H19 YP2 K . 18.68 -4.27 -16.94
H20 YP2 K . 15.42 -6.72 -14.13
H21 YP2 K . 14.64 -4.90 -15.61
H23 YP2 K . 21.39 -7.75 -13.79
H22 YP2 K . 20.25 -8.89 -13.09
C4 YP2 L . 16.31 -17.31 10.09
C5 YP2 L . 18.48 -15.57 7.73
C6 YP2 L . 16.44 -14.69 9.13
C13 YP2 L . 14.33 -16.73 11.56
C1 YP2 L . 17.29 -16.94 9.18
C11 YP2 L . 15.35 -15.11 9.88
C12 YP2 L . 20.27 -17.17 6.98
C14 YP2 L . 21.43 -16.21 7.23
C2 YP2 L . 17.36 -15.64 8.71
C3 YP2 L . 18.33 -17.74 8.50
C9 YP2 L . 15.34 -16.38 10.47
N7 YP2 L . 19.06 -16.84 7.73
O10 YP2 L . 18.81 -14.65 7.00
O15 YP2 L . 13.45 -15.90 11.86
O16 YP2 L . 14.46 -17.87 12.11
O17 YP2 L . 22.22 -16.52 8.17
O18 YP2 L . 21.52 -15.17 6.54
O8 YP2 L . 18.51 -18.94 8.50
H19 YP2 L . 16.30 -18.32 10.49
H20 YP2 L . 16.56 -13.65 8.87
H21 YP2 L . 14.51 -14.45 10.00
H23 YP2 L . 20.59 -18.18 7.24
H22 YP2 L . 20.02 -17.15 5.92
#